data_4R0D
#
_entry.id   4R0D
#
_cell.length_a   163.639
_cell.length_b   255.361
_cell.length_c   136.786
_cell.angle_alpha   90.00
_cell.angle_beta   90.00
_cell.angle_gamma   90.00
#
_symmetry.space_group_name_H-M   'C 2 2 21'
#
loop_
_entity.id
_entity.type
_entity.pdbx_description
1 polymer 'GROUP IIB INTRON LARIAT'
2 polymer 'LIGATED EXONS'
3 non-polymer SPERMINE
4 non-polymer 'IRIDIUM HEXAMMINE ION'
5 non-polymer 'MAGNESIUM ION'
6 non-polymer 'SODIUM ION'
7 water water
#
loop_
_entity_poly.entity_id
_entity_poly.type
_entity_poly.pdbx_seq_one_letter_code
_entity_poly.pdbx_strand_id
1 'polyribonucleotide'
;GUGCGACAAGAAGUUCAGGAAGGGAUUGAGGUGAAAGUCCUCCUCCCGAAUCGUUCAUGGGAGAGUCUAUCCAGACUUGC
GUAGCGAGUAAUCGCUAGGUGAGAAGCUCUGGAGACAAUGUACCUGCCCUUCAAUUGGAGGUGCCAGGGCUAGGCUUUGU
UCCUAUGGCUAGCGAAAGCGAAUACAGGUUAUUAGGCGUCGUGAAAACAAAACUCUUUCGACAUAAGGGAGAGGCUCGUA
GAUGAGUUACCCUCCUUUUUAUGGGGUAACUGAACGAUCAAUAUCUACCGGCGUAGACUGUGAGCCUAAAGGAAACGAAU
GAAAGUGUCCCUUCCUGGGAACUUGGUAAGCCCAAUAGACUCCCUCUGGGAAACCAGAGGAGGAGUAAGAGCAAUCUUAC
UUAUCGUCUAGUGGGUAAAAGACAUAAUAGGAAGCAAAUGCUUGGUUGUAACGAUCGAGAUAGAAUCUGUUGAUUUAAGC
UGAAAGGCUGCAGACUUAUUAAAUGGGUGUUCUGCUGUAUGGCGUUCGCGCCUAAGCAGCAGAAUGCGUGAGCCGUGUGC
GAUGAAAGUCGCAAGCACGGUUCUGAUGGGGGGAAAACGAGAGAUCGUCUACCUAUCCAACU
;
A
2 'polyribonucleotide' ACUGUUUAUUAAAAACACAG B
#
loop_
_chem_comp.id
_chem_comp.type
_chem_comp.name
_chem_comp.formula
A RNA linking ADENOSINE-5'-MONOPHOSPHATE 'C10 H14 N5 O7 P'
C RNA linking CYTIDINE-5'-MONOPHOSPHATE 'C9 H14 N3 O8 P'
G RNA linking GUANOSINE-5'-MONOPHOSPHATE 'C10 H14 N5 O8 P'
IRI non-polymer 'IRIDIUM HEXAMMINE ION' 'H18 Ir N6 3'
MG non-polymer 'MAGNESIUM ION' 'Mg 2'
NA non-polymer 'SODIUM ION' 'Na 1'
SPM non-polymer SPERMINE 'C10 H26 N4'
U RNA linking URIDINE-5'-MONOPHOSPHATE 'C9 H13 N2 O9 P'
#
# COMPACT_ATOMS: atom_id res chain seq x y z
N1 SPM C . 12.13 -27.84 34.17
C2 SPM C . 12.86 -26.61 33.97
C3 SPM C . 11.83 -25.54 33.61
C4 SPM C . 10.64 -25.68 34.56
N5 SPM C . 9.41 -25.12 34.03
C6 SPM C . 9.51 -23.90 33.23
C7 SPM C . 9.86 -22.71 34.10
C8 SPM C . 9.02 -22.72 35.37
C9 SPM C . 7.88 -21.73 35.29
N10 SPM C . 6.90 -22.11 34.28
C11 SPM C . 6.79 -21.36 33.04
C12 SPM C . 7.21 -19.90 33.16
C13 SPM C . 6.02 -18.93 33.00
N14 SPM C . 5.14 -19.00 34.15
N1 SPM D . 5.48 51.36 -17.98
C2 SPM D . 5.11 52.74 -18.18
C3 SPM D . 4.65 52.98 -19.62
C4 SPM D . 3.31 52.30 -19.90
N5 SPM D . 3.06 52.15 -21.33
C6 SPM D . 1.71 51.92 -21.77
C7 SPM D . 1.57 50.62 -22.56
C8 SPM D . 2.20 50.72 -23.94
C9 SPM D . 1.84 49.50 -24.76
N10 SPM D . 2.04 49.73 -26.17
C11 SPM D . 1.42 48.90 -27.19
C12 SPM D . 1.07 47.51 -26.66
C13 SPM D . 2.23 46.53 -26.80
N14 SPM D . 1.85 45.26 -26.20
IR IRI E . 4.54 -16.29 24.72
N1 IRI E . 6.41 -15.94 25.40
N2 IRI E . 4.37 -17.99 25.80
N3 IRI E . 2.66 -16.59 24.07
N4 IRI E . 4.66 -14.59 23.65
N5 IRI E . 3.76 -15.29 26.31
N6 IRI E . 5.34 -17.30 23.17
IR IRI F . 12.58 13.08 7.46
N1 IRI F . 12.51 14.23 5.52
N2 IRI F . 11.97 11.21 6.37
N3 IRI F . 12.60 11.92 9.37
N4 IRI F . 13.17 14.97 8.51
N5 IRI F . 10.41 13.58 7.81
N6 IRI F . 14.74 12.61 7.08
IR IRI G . 16.24 -30.65 12.73
N1 IRI G . 16.85 -28.50 12.90
N2 IRI G . 18.01 -31.04 11.40
N3 IRI G . 15.60 -32.81 12.52
N4 IRI G . 14.41 -30.23 14.00
N5 IRI G . 15.03 -30.14 10.90
N6 IRI G . 17.45 -31.16 14.55
IR IRI H . 34.66 20.62 -7.14
N1 IRI H . 35.57 22.22 -8.46
N2 IRI H . 35.32 21.80 -5.33
N3 IRI H . 33.78 19.05 -5.81
N4 IRI H . 34.06 19.47 -8.97
N5 IRI H . 36.64 19.55 -7.13
N6 IRI H . 32.71 21.74 -7.16
IR IRI I . 15.95 50.40 -18.63
N1 IRI I . 16.07 48.47 -19.79
N2 IRI I . 14.79 51.30 -20.31
N3 IRI I . 15.82 52.34 -17.51
N4 IRI I . 17.11 49.52 -16.88
N5 IRI I . 17.86 51.05 -19.57
N6 IRI I . 13.98 49.77 -17.67
IR IRI J . -34.50 7.88 8.04
N1 IRI J . -32.28 7.90 8.31
N2 IRI J . -34.28 9.63 6.64
N3 IRI J . -36.74 7.91 7.71
N4 IRI J . -34.77 6.11 9.40
N5 IRI J . -34.73 9.30 9.76
N6 IRI J . -34.23 6.47 6.30
IR IRI K . -9.05 -12.66 20.44
N1 IRI K . -10.95 -12.34 21.59
N2 IRI K . -9.77 -14.66 19.80
N3 IRI K . -7.20 -13.12 19.30
N4 IRI K . -8.41 -10.61 21.10
N5 IRI K . -8.13 -13.60 22.28
N6 IRI K . -9.91 -11.70 18.65
IR IRI L . -10.58 4.57 2.65
N1 IRI L . -10.52 6.09 1.01
N2 IRI L . -8.87 5.62 3.69
N3 IRI L . -10.67 3.05 4.33
N4 IRI L . -12.31 3.54 1.63
N5 IRI L . -9.13 3.28 1.53
N6 IRI L . -12.04 5.87 3.81
IR IRI M . 25.41 17.15 17.92
N1 IRI M . 23.39 17.90 17.38
N2 IRI M . 26.16 17.62 15.88
N3 IRI M . 27.47 16.37 18.49
N4 IRI M . 24.67 16.67 20.01
N5 IRI M . 24.84 15.07 17.26
N6 IRI M . 25.99 19.20 18.61
IR IRI N . 21.60 19.53 11.14
N1 IRI N . 20.43 18.04 9.93
N2 IRI N . 23.50 18.56 10.49
N3 IRI N . 22.78 21.02 12.29
N4 IRI N . 19.65 20.46 11.76
N5 IRI N . 21.47 18.17 12.92
N6 IRI N . 21.69 20.89 9.37
IR IRI O . 20.44 -34.70 13.37
N1 IRI O . 21.08 -36.83 13.74
N2 IRI O . 20.43 -34.32 15.59
N3 IRI O . 19.81 -32.58 12.96
N4 IRI O . 20.45 -35.07 11.15
N5 IRI O . 18.28 -35.32 13.47
N6 IRI O . 22.60 -34.07 13.28
IR IRI P . 34.89 -20.68 -5.32
N1 IRI P . 36.14 -21.93 -6.34
N2 IRI P . 36.11 -20.80 -3.69
N3 IRI P . 33.65 -19.44 -4.31
N4 IRI P . 33.68 -20.57 -6.95
N5 IRI P . 33.84 -22.29 -4.65
N6 IRI P . 35.94 -19.08 -5.99
IR IRI Q . 41.00 18.58 -3.21
N1 IRI Q . 39.01 19.20 -4.03
N2 IRI Q . 41.86 20.58 -3.81
N3 IRI Q . 43.02 17.98 -2.40
N4 IRI Q . 40.16 16.59 -2.61
N5 IRI Q . 41.58 17.75 -5.21
N6 IRI Q . 40.45 19.45 -1.20
IR IRI R . -12.97 20.64 -20.38
N1 IRI R . -13.75 22.08 -21.59
N2 IRI R . -11.40 20.42 -21.67
N3 IRI R . -12.18 19.20 -19.18
N4 IRI R . -14.52 20.87 -19.11
N5 IRI R . -14.00 19.21 -21.40
N6 IRI R . -11.93 22.07 -19.37
IR IRI S . -17.74 0.67 -36.40
N1 IRI S . -17.04 1.22 -38.47
N2 IRI S . -16.43 2.31 -35.54
N3 IRI S . -18.53 0.13 -34.38
N4 IRI S . -19.05 -0.96 -37.20
N5 IRI S . -16.03 -0.76 -36.17
N6 IRI S . -19.43 2.14 -36.58
IR IRI T . -32.07 -11.23 -40.11
N1 IRI T . -33.63 -12.54 -41.07
N2 IRI T . -31.58 -10.34 -42.12
N3 IRI T . -30.48 -9.94 -39.16
N4 IRI T . -32.52 -12.14 -38.12
N5 IRI T . -30.56 -12.87 -40.48
N6 IRI T . -33.60 -9.65 -39.77
IR IRI U . -53.57 -8.97 -53.64
N1 IRI U . -54.85 -7.61 -54.34
N2 IRI U . -52.39 -7.49 -53.00
N3 IRI U . -52.30 -10.35 -52.96
N4 IRI U . -54.77 -10.45 -54.27
N5 IRI U . -52.55 -9.02 -55.36
N6 IRI U . -54.63 -8.94 -51.93
IR IRI V . -32.97 -8.72 -5.54
N1 IRI V . -33.35 -8.65 -7.55
N2 IRI V . -34.50 -10.03 -5.30
N3 IRI V . -32.59 -8.78 -3.54
N4 IRI V . -31.43 -7.41 -5.79
N5 IRI V . -34.24 -7.16 -5.25
N6 IRI V . -31.69 -10.28 -5.84
IR IRI W . -18.50 -12.40 0.87
N1 IRI W . -17.21 -11.77 -0.85
N2 IRI W . -16.84 -11.88 2.30
N3 IRI W . -19.79 -13.05 2.61
N4 IRI W . -20.19 -12.90 -0.53
N5 IRI W . -17.69 -14.48 0.72
N6 IRI W . -19.35 -10.31 1.07
IR IRI X . -10.41 -12.77 0.37
N1 IRI X . -11.39 -11.31 -1.04
N2 IRI X . -8.37 -12.14 -0.36
N3 IRI X . -9.48 -14.30 1.73
N4 IRI X . -12.45 -13.43 1.07
N5 IRI X . -10.49 -14.35 -1.24
N6 IRI X . -10.40 -11.22 1.99
IR IRI Y . -4.70 -26.67 -9.99
N1 IRI Y . -4.55 -24.91 -11.37
N2 IRI Y . -5.29 -27.98 -11.72
N3 IRI Y . -4.85 -28.44 -8.61
N4 IRI Y . -4.10 -25.37 -8.26
N5 IRI Y . -6.87 -26.20 -9.61
N6 IRI Y . -2.53 -27.15 -10.38
IR IRI Z . 21.73 23.40 29.16
N1 IRI Z . 22.52 21.42 28.51
N2 IRI Z . 20.24 22.35 30.48
N3 IRI Z . 20.90 25.41 29.82
N4 IRI Z . 23.21 24.47 27.85
N5 IRI Z . 20.22 23.38 27.48
N6 IRI Z . 23.20 23.44 30.85
IR IRI AA . 24.32 19.89 33.91
N1 IRI AA . 24.49 17.67 33.72
N2 IRI AA . 25.01 19.76 36.08
N3 IRI AA . 24.15 22.13 34.10
N4 IRI AA . 23.65 20.04 31.77
N5 IRI AA . 22.22 19.66 34.59
N6 IRI AA . 26.50 20.11 33.25
IR IRI BA . 30.40 -8.12 35.19
N1 IRI BA . 31.29 -7.59 37.21
N2 IRI BA . 30.68 -10.32 35.62
N3 IRI BA . 29.58 -8.63 33.18
N4 IRI BA . 30.14 -5.95 34.74
N5 IRI BA . 32.46 -8.05 34.27
N6 IRI BA . 28.35 -8.18 36.09
IR IRI CA . 18.75 -21.97 41.44
N1 IRI CA . 18.38 -23.92 42.52
N2 IRI CA . 16.70 -22.10 40.53
N3 IRI CA . 19.08 -20.02 40.39
N4 IRI CA . 20.81 -21.83 42.33
N5 IRI CA . 19.60 -23.07 39.69
N6 IRI CA . 17.85 -20.83 43.19
IR IRI DA . -21.02 18.17 24.17
N1 IRI DA . -20.04 16.58 24.97
N2 IRI DA . -19.95 17.97 22.45
N3 IRI DA . -22.02 19.75 23.36
N4 IRI DA . -22.11 18.36 25.88
N5 IRI DA . -19.62 19.43 24.91
N6 IRI DA . -22.44 16.91 23.42
IR IRI EA . -28.19 7.58 28.32
N1 IRI EA . -28.81 6.82 26.30
N2 IRI EA . -28.99 5.71 29.27
N3 IRI EA . -27.59 8.34 30.35
N4 IRI EA . -27.43 9.48 27.38
N5 IRI EA . -30.22 8.56 28.63
N6 IRI EA . -26.19 6.63 28.07
IR IRI FA . -28.34 -27.60 -4.29
N1 IRI FA . -29.73 -26.03 -5.12
N2 IRI FA . -29.25 -27.35 -2.25
N3 IRI FA . -26.96 -29.16 -3.45
N4 IRI FA . -27.41 -27.82 -6.33
N5 IRI FA . -26.82 -25.99 -3.81
N6 IRI FA . -29.87 -29.18 -4.77
IR IRI GA . -44.89 6.99 21.72
N1 IRI GA . -46.61 7.89 22.90
N2 IRI GA . -43.78 6.61 23.64
N3 IRI GA . -43.21 6.12 20.54
N4 IRI GA . -46.02 7.39 19.81
N5 IRI GA . -43.95 9.04 21.58
N6 IRI GA . -45.87 4.98 21.86
IR IRI HA . -8.83 5.53 -26.40
N1 IRI HA . -7.60 6.76 -24.98
N2 IRI HA . -7.12 5.55 -27.87
N3 IRI HA . -10.03 4.29 -27.85
N4 IRI HA . -10.50 5.47 -24.91
N5 IRI HA . -9.66 7.40 -27.32
N6 IRI HA . -7.96 3.66 -25.46
IR IRI IA . -41.93 -14.40 -42.10
N1 IRI IA . -40.11 -14.11 -43.40
N2 IRI IA . -41.69 -12.33 -41.25
N3 IRI IA . -43.73 -14.71 -40.80
N4 IRI IA . -42.18 -16.48 -42.92
N5 IRI IA . -40.64 -15.21 -40.47
N6 IRI IA . -43.25 -13.59 -43.74
IR IRI JA . -27.23 -11.71 -33.02
N1 IRI JA . -27.08 -9.66 -33.93
N2 IRI JA . -25.90 -11.08 -31.32
N3 IRI JA . -27.39 -13.76 -32.12
N4 IRI JA . -28.57 -12.36 -34.71
N5 IRI JA . -25.41 -12.39 -34.20
N6 IRI JA . -29.02 -11.07 -31.87
IR IRI KA . 72.40 18.17 -34.63
N1 IRI KA . 74.14 17.18 -33.61
N2 IRI KA . 71.21 18.04 -32.74
N3 IRI KA . 70.67 19.20 -35.66
N4 IRI KA . 73.62 18.35 -36.52
N5 IRI KA . 71.63 16.18 -35.29
N6 IRI KA . 73.20 20.18 -33.97
IR IRI LA . 35.92 -4.94 3.23
N1 IRI LA . 36.94 -3.26 4.33
N2 IRI LA . 37.26 -6.42 4.26
N3 IRI LA . 34.93 -6.64 2.13
N4 IRI LA . 34.60 -3.45 2.18
N5 IRI LA . 37.44 -4.75 1.57
N6 IRI LA . 34.43 -5.13 4.89
IR IRI MA . 41.18 -3.60 6.84
N1 IRI MA . 41.90 -4.32 8.83
N2 IRI MA . 41.47 -5.65 5.97
N3 IRI MA . 40.45 -2.86 4.83
N4 IRI MA . 40.89 -1.52 7.70
N5 IRI MA . 43.29 -3.06 6.27
N6 IRI MA . 39.06 -4.11 7.39
IR IRI NA . -13.75 21.30 19.79
N1 IRI NA . -13.36 19.12 19.38
N2 IRI NA . -15.48 20.74 21.10
N3 IRI NA . -14.12 23.48 20.20
N4 IRI NA . -12.02 21.85 18.46
N5 IRI NA . -15.08 21.39 17.98
N6 IRI NA . -12.40 21.21 21.59
IR IRI OA . -12.00 -19.54 -26.02
N1 IRI OA . -10.51 -20.89 -27.02
N2 IRI OA . -12.32 -21.07 -24.40
N3 IRI OA . -13.50 -18.17 -25.01
N4 IRI OA . -11.69 -17.99 -27.63
N5 IRI OA . -10.33 -18.62 -24.84
N6 IRI OA . -13.68 -20.45 -27.24
IR IRI PA . -38.23 -31.11 -13.52
N1 IRI PA . -38.95 -29.26 -12.47
N2 IRI PA . -40.32 -31.63 -14.06
N3 IRI PA . -37.41 -32.92 -14.58
N4 IRI PA . -36.06 -30.61 -13.00
N5 IRI PA . -37.99 -29.95 -15.46
N6 IRI PA . -38.43 -32.27 -11.62
MG MG QA . 4.35 6.08 -4.61
MG MG RA . 6.41 3.79 -2.65
MG MG SA . -8.32 -6.99 -5.68
MG MG TA . -8.79 -2.40 5.79
MG MG UA . -46.34 5.88 -23.38
MG MG VA . -11.27 -4.87 14.43
MG MG WA . -22.36 10.26 0.00
MG MG XA . 2.99 7.61 9.30
MG MG YA . 19.07 57.86 -19.10
MG MG ZA . -34.69 4.82 2.74
MG MG AB . -31.31 -7.67 -23.29
MG MG BB . -37.82 -2.08 -13.04
MG MG CB . -25.78 -4.77 -36.87
MG MG DB . 26.23 -6.31 14.55
MG MG EB . 28.37 -2.68 8.98
MG MG FB . -0.74 -18.31 10.64
MG MG GB . 17.57 -6.05 15.40
MG MG HB . 59.08 14.28 1.58
MG MG IB . -46.78 -16.97 1.15
MG MG JB . 15.35 27.00 20.86
MG MG KB . 31.45 -21.47 -6.35
MG MG LB . -33.11 8.11 -52.90
MG MG MB . -49.93 -11.92 -43.26
MG MG NB . 33.09 -28.59 30.19
MG MG OB . -19.79 -2.82 -16.63
MG MG PB . 4.32 -22.94 20.21
MG MG QB . -19.52 -3.82 -22.59
MG MG RB . -22.16 14.06 -18.31
MG MG SB . 7.34 -18.99 -5.19
MG MG TB . -34.25 5.15 -8.72
MG MG UB . 45.24 -5.68 8.15
MG MG VB . -7.87 25.02 23.43
MG MG WB . 8.47 -35.75 -20.39
MG MG XB . -21.57 23.05 -23.52
MG MG YB . 28.42 -8.38 10.14
MG MG ZB . 9.04 6.85 6.03
MG MG AC . 18.03 31.01 16.84
MG MG BC . 11.95 2.30 15.09
MG MG CC . 44.42 -20.50 28.33
MG MG DC . 15.05 21.97 0.10
MG MG EC . 42.52 6.51 -1.62
MG MG FC . 41.71 11.50 -0.15
MG MG GC . -54.16 -10.08 -36.90
MG MG HC . 3.87 -13.14 7.19
MG MG IC . -3.58 32.87 6.05
MG MG JC . 28.17 -34.23 47.56
MG MG KC . -32.04 -14.35 -44.92
MG MG LC . 67.56 9.71 -22.44
MG MG MC . 29.58 -27.42 -12.26
MG MG NC . -36.21 1.65 -14.03
MG MG OC . 26.51 -23.77 16.49
MG MG PC . -61.18 -10.61 -56.13
MG MG QC . -31.97 2.51 -35.19
MG MG RC . 24.70 -7.69 40.99
MG MG SC . 22.94 35.31 -0.98
MG MG TC . 19.71 14.35 28.47
MG MG UC . -29.50 -7.06 24.06
MG MG VC . -28.06 -1.97 27.04
MG MG WC . -29.47 -28.53 -19.05
MG MG XC . 9.64 29.36 6.91
MG MG YC . 27.04 -4.88 50.96
MG MG ZC . -32.73 8.00 2.14
MG MG AD . -56.36 0.39 -3.53
MG MG BD . -52.47 -6.74 1.49
MG MG CD . 11.97 -2.45 13.68
MG MG DD . -7.02 24.51 8.07
MG MG ED . -30.75 -4.07 11.46
MG MG FD . 28.82 -33.18 36.02
MG MG GD . -5.91 11.85 4.41
MG MG HD . 4.59 -6.57 -2.21
MG MG ID . 20.21 31.14 1.82
MG MG JD . 60.69 10.36 -27.70
MG MG KD . -20.45 11.90 22.38
MG MG LD . 33.68 -23.23 0.56
MG MG MD . 29.70 -0.31 32.04
MG MG ND . 10.15 -26.35 8.47
MG MG OD . -14.27 13.65 -20.73
MG MG PD . 31.80 -10.64 -14.60
MG MG QD . 13.39 -11.24 37.09
MG MG RD . 36.14 -23.09 28.69
MG MG SD . -12.69 3.84 -32.64
NA NA TD . 0.53 6.19 -4.49
NA NA UD . 5.93 -24.35 -4.50
NA NA VD . 9.86 25.42 7.57
NA NA WD . -33.69 1.96 -13.59
NA NA XD . 51.38 -21.52 18.00
NA NA YD . 24.42 -22.43 10.78
NA NA ZD . -9.53 17.36 29.55
NA NA AE . -16.25 -25.48 -19.38
NA NA BE . -38.35 -9.95 22.00
NA NA CE . -22.76 14.34 -33.77
NA NA DE . 29.35 -27.98 19.90
NA NA EE . -35.51 -11.67 26.05
NA NA FE . 29.52 17.20 -17.61
NA NA GE . -7.14 24.66 -21.37
NA NA HE . -0.24 15.47 -20.27
NA NA IE . -59.92 -0.58 -41.43
MG MG JE . 38.10 2.28 -14.05
MG MG KE . 37.87 8.55 -14.48
#